data_2J4X
#
_entry.id   2J4X
#
_cell.length_a   51.868
_cell.length_b   51.868
_cell.length_c   62.104
_cell.angle_alpha   90.00
_cell.angle_beta   90.00
_cell.angle_gamma   120.00
#
_symmetry.space_group_name_H-M   'P 32'
#
loop_
_entity.id
_entity.type
_entity.pdbx_description
1 polymer MITOGEN
2 non-polymer 'ZINC ION'
3 non-polymer GLYCEROL
4 water water
#
_entity_poly.entity_id   1
_entity_poly.type   'polypeptide(L)'
_entity_poly.pdbx_seq_one_letter_code
;KDAVLVNSELKNIYMKDVINKTNMKITKKIGTQLIFNTNEKTRVWDDDNYNKVISSNVSPAQERRFKEEEEVDIYALIKS
YSVICKEQYNYVDGGLIKTSDREKLDSTIYMNIFGEQIPLKEQSKYKITFQNKFVTFQEIDVRLRKSLMSDNRIKLYEHN
SICKKGYWGIHYKDNTTKFTDLFTHPNYTDNETIDMSKVSHFDVYLNEEFSKN
;
_entity_poly.pdbx_strand_id   A
#
loop_
_chem_comp.id
_chem_comp.type
_chem_comp.name
_chem_comp.formula
GOL non-polymer GLYCEROL 'C3 H8 O3'
ZN non-polymer 'ZINC ION' 'Zn 2'
#
# COMPACT_ATOMS: atom_id res chain seq x y z
N LYS A 1 -6.81 -18.07 4.72
CA LYS A 1 -6.55 -16.64 5.03
C LYS A 1 -5.05 -16.42 4.93
N ASP A 2 -4.63 -15.18 4.68
CA ASP A 2 -3.21 -14.88 4.60
C ASP A 2 -2.56 -15.24 5.92
N ALA A 3 -1.38 -15.84 5.87
CA ALA A 3 -0.72 -16.23 7.09
C ALA A 3 -0.22 -15.00 7.83
N VAL A 4 -0.32 -15.08 9.15
CA VAL A 4 0.11 -14.02 10.03
C VAL A 4 1.61 -14.06 10.15
N LEU A 5 2.24 -12.89 10.23
CA LEU A 5 3.68 -12.82 10.37
C LEU A 5 4.01 -12.16 11.71
N VAL A 6 5.30 -12.16 12.04
CA VAL A 6 5.75 -11.56 13.29
C VAL A 6 6.27 -10.14 13.04
N ASN A 7 6.29 -9.32 14.09
CA ASN A 7 6.75 -7.93 13.99
C ASN A 7 8.04 -7.74 13.21
N SER A 8 9.00 -8.59 13.52
CA SER A 8 10.31 -8.60 12.89
C SER A 8 10.24 -8.55 11.35
N GLU A 9 9.44 -9.45 10.79
CA GLU A 9 9.26 -9.58 9.37
C GLU A 9 8.43 -8.45 8.81
N LEU A 10 7.37 -8.10 9.52
CA LEU A 10 6.47 -7.01 9.09
C LEU A 10 7.19 -5.68 9.09
N LYS A 11 7.99 -5.46 10.14
CA LYS A 11 8.76 -4.23 10.22
C LYS A 11 9.73 -4.15 9.08
N ASN A 12 10.36 -5.28 8.75
CA ASN A 12 11.35 -5.31 7.69
C ASN A 12 10.74 -5.02 6.34
N ILE A 13 9.56 -5.57 6.13
CA ILE A 13 8.83 -5.41 4.90
C ILE A 13 8.36 -3.98 4.71
N TYR A 14 7.64 -3.43 5.69
CA TYR A 14 7.07 -2.09 5.54
C TYR A 14 7.93 -0.90 5.88
N MET A 15 9.15 -1.11 6.33
CA MET A 15 10.00 0.02 6.63
C MET A 15 10.72 0.47 5.35
N LYS A 16 10.77 -0.41 4.36
CA LYS A 16 11.42 -0.08 3.11
C LYS A 16 10.80 1.13 2.39
N ASP A 17 11.54 1.72 1.45
CA ASP A 17 11.05 2.88 0.73
C ASP A 17 10.08 2.46 -0.35
N VAL A 18 9.43 3.44 -0.96
CA VAL A 18 8.48 3.15 -2.00
C VAL A 18 8.88 3.90 -3.27
N ILE A 19 8.29 3.49 -4.39
CA ILE A 19 8.50 4.16 -5.66
C ILE A 19 7.18 4.91 -5.79
N ASN A 20 7.24 6.20 -6.11
CA ASN A 20 6.03 7.01 -6.25
C ASN A 20 6.31 7.93 -7.46
N LYS A 21 6.06 7.41 -8.65
CA LYS A 21 6.33 8.18 -9.86
C LYS A 21 5.15 8.21 -10.81
N THR A 22 5.13 9.22 -11.67
CA THR A 22 4.04 9.35 -12.62
C THR A 22 4.58 9.34 -14.05
N ASN A 23 3.71 9.08 -15.02
CA ASN A 23 4.11 9.06 -16.43
C ASN A 23 5.35 8.24 -16.72
N MET A 24 5.34 6.99 -16.28
CA MET A 24 6.45 6.08 -16.51
C MET A 24 6.02 5.11 -17.60
N LYS A 25 6.71 5.19 -18.73
CA LYS A 25 6.45 4.37 -19.92
C LYS A 25 7.07 2.98 -19.73
N ILE A 26 6.26 1.95 -19.91
CA ILE A 26 6.73 0.58 -19.76
C ILE A 26 7.69 0.37 -20.93
N THR A 27 8.98 0.21 -20.65
CA THR A 27 9.97 0.05 -21.72
C THR A 27 10.05 -1.38 -22.24
N LYS A 28 10.44 -2.31 -21.39
CA LYS A 28 10.52 -3.71 -21.76
C LYS A 28 9.42 -4.37 -20.96
N LYS A 29 9.09 -5.60 -21.31
CA LYS A 29 8.04 -6.32 -20.61
C LYS A 29 8.45 -7.77 -20.73
N ILE A 30 8.74 -8.42 -19.60
CA ILE A 30 9.19 -9.80 -19.64
C ILE A 30 8.65 -10.70 -18.53
N GLY A 31 8.01 -11.79 -18.95
CA GLY A 31 7.44 -12.76 -18.01
C GLY A 31 6.19 -12.28 -17.33
N THR A 32 6.36 -11.78 -16.12
CA THR A 32 5.26 -11.26 -15.31
C THR A 32 5.72 -9.90 -14.76
N GLN A 33 6.93 -9.50 -15.17
CA GLN A 33 7.53 -8.24 -14.76
C GLN A 33 7.33 -7.18 -15.84
N LEU A 34 6.90 -5.98 -15.43
CA LEU A 34 6.74 -4.85 -16.35
C LEU A 34 7.87 -3.91 -15.96
N ILE A 35 8.82 -3.71 -16.88
CA ILE A 35 9.99 -2.89 -16.63
C ILE A 35 9.89 -1.45 -17.10
N PHE A 36 10.55 -0.58 -16.34
CA PHE A 36 10.54 0.84 -16.62
C PHE A 36 11.96 1.40 -16.56
N ASN A 37 12.18 2.52 -17.25
CA ASN A 37 13.46 3.21 -17.24
C ASN A 37 13.26 4.55 -16.51
N LYS A 52 18.31 4.27 -12.86
CA LYS A 52 17.70 3.18 -12.09
C LYS A 52 16.52 2.56 -12.84
N VAL A 53 16.42 1.24 -12.78
CA VAL A 53 15.35 0.50 -13.45
C VAL A 53 14.33 0.00 -12.45
N ILE A 54 13.04 0.10 -12.77
CA ILE A 54 11.96 -0.35 -11.89
C ILE A 54 11.25 -1.55 -12.47
N SER A 55 11.27 -2.66 -11.74
CA SER A 55 10.60 -3.86 -12.22
C SER A 55 9.37 -4.12 -11.36
N SER A 56 8.21 -4.15 -11.99
CA SER A 56 6.97 -4.38 -11.28
C SER A 56 6.45 -5.79 -11.57
N ASN A 57 6.45 -6.63 -10.54
CA ASN A 57 5.96 -7.99 -10.68
C ASN A 57 4.45 -7.86 -10.57
N VAL A 58 3.73 -8.38 -11.56
CA VAL A 58 2.27 -8.32 -11.60
C VAL A 58 1.69 -9.69 -11.98
N SER A 59 0.40 -9.91 -11.77
CA SER A 59 -0.25 -11.19 -12.09
C SER A 59 -0.37 -11.41 -13.59
N PRO A 60 -0.39 -12.69 -14.03
CA PRO A 60 -0.52 -12.98 -15.46
C PRO A 60 -1.66 -12.15 -16.06
N ALA A 61 -2.74 -12.02 -15.30
CA ALA A 61 -3.91 -11.28 -15.71
C ALA A 61 -3.60 -9.80 -15.92
N GLN A 62 -2.94 -9.21 -14.93
CA GLN A 62 -2.58 -7.79 -15.02
C GLN A 62 -1.59 -7.51 -16.14
N GLU A 63 -0.68 -8.44 -16.40
CA GLU A 63 0.30 -8.25 -17.46
C GLU A 63 -0.40 -7.99 -18.79
N ARG A 64 -1.45 -8.76 -19.07
CA ARG A 64 -2.21 -8.61 -20.31
C ARG A 64 -2.75 -7.20 -20.49
N ARG A 65 -3.31 -6.64 -19.43
CA ARG A 65 -3.88 -5.29 -19.47
C ARG A 65 -2.87 -4.17 -19.72
N PHE A 66 -1.58 -4.43 -19.54
CA PHE A 66 -0.54 -3.41 -19.75
C PHE A 66 0.27 -3.68 -21.00
N LYS A 67 0.45 -2.67 -21.84
CA LYS A 67 1.20 -2.83 -23.09
C LYS A 67 2.45 -1.96 -23.04
N GLU A 68 3.50 -2.38 -23.73
CA GLU A 68 4.72 -1.58 -23.75
C GLU A 68 4.44 -0.18 -24.32
N GLU A 69 5.34 0.76 -24.02
CA GLU A 69 5.23 2.16 -24.45
C GLU A 69 4.05 2.88 -23.77
N GLU A 70 3.27 2.09 -23.04
CA GLU A 70 2.12 2.60 -22.30
C GLU A 70 2.64 3.33 -21.06
N GLU A 71 2.10 4.51 -20.78
CA GLU A 71 2.52 5.25 -19.59
C GLU A 71 1.75 4.77 -18.36
N VAL A 72 2.49 4.58 -17.28
CA VAL A 72 1.93 4.10 -16.03
C VAL A 72 2.40 4.91 -14.81
N ASP A 73 1.50 5.14 -13.85
CA ASP A 73 1.86 5.85 -12.60
C ASP A 73 2.14 4.71 -11.62
N ILE A 74 3.19 4.86 -10.83
CA ILE A 74 3.59 3.82 -9.91
C ILE A 74 3.67 4.25 -8.46
N TYR A 75 3.08 3.46 -7.59
CA TYR A 75 3.17 3.68 -6.15
C TYR A 75 3.30 2.26 -5.62
N ALA A 76 4.51 1.85 -5.33
CA ALA A 76 4.73 0.50 -4.82
C ALA A 76 5.87 0.43 -3.84
N LEU A 77 5.76 -0.47 -2.89
CA LEU A 77 6.80 -0.69 -1.89
C LEU A 77 7.93 -1.45 -2.58
N ILE A 78 9.18 -1.08 -2.31
CA ILE A 78 10.32 -1.78 -2.91
C ILE A 78 10.60 -3.07 -2.12
N LYS A 79 10.72 -4.20 -2.80
CA LYS A 79 10.98 -5.51 -2.16
C LYS A 79 12.46 -5.75 -1.98
N SER A 80 13.22 -5.31 -2.99
CA SER A 80 14.66 -5.45 -2.99
C SER A 80 15.31 -4.62 -4.09
N TYR A 81 16.63 -4.52 -4.02
CA TYR A 81 17.42 -3.78 -4.98
C TYR A 81 18.50 -4.73 -5.44
N SER A 82 19.11 -4.42 -6.58
CA SER A 82 20.22 -5.20 -7.12
C SER A 82 20.90 -4.37 -8.18
N VAL A 83 22.21 -4.24 -8.07
CA VAL A 83 22.94 -3.47 -9.07
C VAL A 83 23.36 -4.43 -10.20
N ILE A 84 23.20 -3.96 -11.43
CA ILE A 84 23.51 -4.74 -12.61
C ILE A 84 24.20 -3.86 -13.63
N CYS A 85 25.47 -4.15 -13.90
CA CYS A 85 26.27 -3.36 -14.84
C CYS A 85 26.21 -1.89 -14.44
N LYS A 86 26.50 -1.64 -13.17
CA LYS A 86 26.46 -0.28 -12.61
C LYS A 86 25.12 0.47 -12.67
N GLU A 87 24.03 -0.25 -12.94
CA GLU A 87 22.67 0.31 -12.97
C GLU A 87 21.83 -0.39 -11.89
N GLN A 88 21.19 0.40 -11.02
CA GLN A 88 20.39 -0.16 -9.92
C GLN A 88 18.95 -0.51 -10.31
N TYR A 89 18.54 -1.71 -9.90
CA TYR A 89 17.20 -2.21 -10.14
C TYR A 89 16.39 -2.09 -8.85
N ASN A 90 15.13 -1.72 -8.98
CA ASN A 90 14.24 -1.60 -7.82
C ASN A 90 13.08 -2.54 -8.13
N TYR A 91 12.90 -3.56 -7.30
CA TYR A 91 11.83 -4.52 -7.53
C TYR A 91 10.61 -4.22 -6.66
N VAL A 92 9.42 -4.31 -7.24
CA VAL A 92 8.18 -4.05 -6.52
C VAL A 92 7.07 -4.92 -7.10
N ASP A 93 5.96 -5.02 -6.40
CA ASP A 93 4.78 -5.79 -6.84
C ASP A 93 3.72 -4.78 -7.19
N GLY A 94 3.06 -4.94 -8.35
CA GLY A 94 2.02 -4.01 -8.73
C GLY A 94 2.31 -2.52 -8.55
N GLY A 95 1.33 -1.78 -8.02
CA GLY A 95 1.45 -0.34 -7.81
C GLY A 95 1.12 0.47 -9.05
N LEU A 96 0.63 -0.21 -10.09
CA LEU A 96 0.35 0.44 -11.38
C LEU A 96 -1.06 0.88 -11.68
N ILE A 97 -1.17 2.09 -12.18
CA ILE A 97 -2.42 2.67 -12.62
C ILE A 97 -2.04 3.40 -13.91
N LYS A 98 -2.75 3.11 -14.99
CA LYS A 98 -2.43 3.82 -16.24
C LYS A 98 -2.49 5.33 -16.04
N THR A 99 -1.50 6.04 -16.58
CA THR A 99 -1.45 7.48 -16.48
C THR A 99 -2.72 8.15 -17.09
N SER A 100 -3.38 7.44 -18.00
CA SER A 100 -4.61 7.94 -18.63
C SER A 100 -5.84 7.62 -17.73
N ASP A 101 -5.62 6.79 -16.70
CA ASP A 101 -6.64 6.38 -15.72
C ASP A 101 -6.66 7.33 -14.52
N ARG A 102 -5.83 8.36 -14.60
CA ARG A 102 -5.72 9.32 -13.52
C ARG A 102 -6.58 10.57 -13.63
N GLU A 103 -7.66 10.58 -12.86
CA GLU A 103 -8.56 11.72 -12.75
C GLU A 103 -8.14 12.31 -11.40
N LYS A 104 -8.13 13.63 -11.27
CA LYS A 104 -7.72 14.24 -10.01
C LYS A 104 -8.88 14.36 -9.06
N LEU A 105 -8.55 14.32 -7.77
CA LEU A 105 -9.55 14.41 -6.72
C LEU A 105 -8.85 14.62 -5.36
N ASP A 106 -9.21 15.69 -4.68
CA ASP A 106 -8.59 15.93 -3.40
C ASP A 106 -9.39 15.25 -2.30
N SER A 107 -8.75 14.28 -1.64
CA SER A 107 -9.39 13.56 -0.56
C SER A 107 -8.50 13.59 0.66
N THR A 108 -9.11 13.84 1.81
CA THR A 108 -8.38 13.81 3.07
C THR A 108 -9.20 12.82 3.86
N ILE A 109 -8.74 11.58 3.89
CA ILE A 109 -9.45 10.52 4.60
C ILE A 109 -8.90 10.31 6.01
N TYR A 110 -9.82 10.27 6.97
CA TYR A 110 -9.48 10.07 8.37
C TYR A 110 -9.28 8.60 8.73
N MET A 111 -8.33 8.39 9.62
CA MET A 111 -7.96 7.08 10.12
C MET A 111 -8.42 7.08 11.59
N ASN A 112 -9.36 6.20 11.91
CA ASN A 112 -9.88 6.06 13.27
C ASN A 112 -9.15 4.88 13.88
N ILE A 113 -8.45 5.14 14.98
CA ILE A 113 -7.71 4.08 15.66
C ILE A 113 -8.44 3.65 16.93
N PHE A 114 -8.75 2.36 17.02
CA PHE A 114 -9.47 1.79 18.15
C PHE A 114 -8.61 0.80 18.87
N GLY A 115 -8.73 0.79 20.20
CA GLY A 115 -7.96 -0.11 21.04
C GLY A 115 -7.95 0.36 22.49
N GLU A 116 -7.99 -0.61 23.40
CA GLU A 116 -7.99 -0.32 24.83
C GLU A 116 -7.06 0.80 25.29
N GLN A 117 -5.79 0.78 24.88
CA GLN A 117 -4.87 1.82 25.33
C GLN A 117 -4.85 3.07 24.44
N ILE A 118 -5.80 3.17 23.52
CA ILE A 118 -5.83 4.32 22.62
C ILE A 118 -6.75 5.42 23.15
N PRO A 119 -6.18 6.60 23.49
CA PRO A 119 -6.97 7.72 24.00
C PRO A 119 -7.84 8.28 22.89
N LEU A 120 -8.90 9.00 23.26
CA LEU A 120 -9.79 9.62 22.29
C LEU A 120 -8.98 10.65 21.50
N LYS A 121 -7.91 11.15 22.13
CA LYS A 121 -7.00 12.13 21.55
C LYS A 121 -6.26 11.59 20.31
N GLU A 122 -5.89 10.31 20.33
CA GLU A 122 -5.18 9.73 19.20
C GLU A 122 -6.16 9.00 18.31
N GLN A 123 -7.39 8.85 18.79
CA GLN A 123 -8.42 8.12 18.05
C GLN A 123 -8.68 8.58 16.64
N SER A 124 -8.81 9.88 16.43
CA SER A 124 -9.06 10.38 15.07
C SER A 124 -8.20 11.59 14.74
N LYS A 125 -6.93 11.54 15.10
CA LYS A 125 -6.07 12.66 14.78
C LYS A 125 -5.37 12.42 13.45
N TYR A 126 -5.31 11.16 13.00
CA TYR A 126 -4.68 10.80 11.73
C TYR A 126 -5.55 10.84 10.48
N LYS A 127 -5.02 11.50 9.46
CA LYS A 127 -5.66 11.65 8.15
C LYS A 127 -4.62 11.28 7.07
N ILE A 128 -5.07 10.69 5.96
CA ILE A 128 -4.15 10.36 4.85
C ILE A 128 -4.74 11.11 3.69
N THR A 129 -3.90 11.88 3.01
CA THR A 129 -4.33 12.67 1.87
C THR A 129 -4.01 12.02 0.51
N PHE A 130 -5.02 12.03 -0.38
CA PHE A 130 -4.92 11.50 -1.76
C PHE A 130 -5.35 12.59 -2.77
N GLN A 131 -4.76 12.57 -3.95
CA GLN A 131 -5.12 13.55 -4.95
C GLN A 131 -5.66 12.98 -6.26
N ASN A 132 -5.91 11.66 -6.28
CA ASN A 132 -6.47 10.95 -7.45
C ASN A 132 -7.70 10.17 -7.00
N LYS A 133 -8.68 10.07 -7.88
CA LYS A 133 -9.94 9.38 -7.58
C LYS A 133 -9.66 7.90 -7.39
N PHE A 134 -8.66 7.43 -8.14
CA PHE A 134 -8.25 6.03 -8.10
C PHE A 134 -6.85 5.89 -7.53
N VAL A 135 -6.74 5.11 -6.46
CA VAL A 135 -5.45 4.84 -5.83
C VAL A 135 -5.38 3.35 -5.57
N THR A 136 -4.21 2.75 -5.74
CA THR A 136 -4.07 1.33 -5.50
C THR A 136 -4.33 1.05 -4.02
N PHE A 137 -4.81 -0.14 -3.71
CA PHE A 137 -5.02 -0.57 -2.33
C PHE A 137 -3.61 -0.65 -1.68
N GLN A 138 -2.60 -1.07 -2.45
CA GLN A 138 -1.24 -1.18 -1.94
C GLN A 138 -0.78 0.15 -1.34
N GLU A 139 -1.08 1.26 -2.03
CA GLU A 139 -0.69 2.58 -1.56
C GLU A 139 -1.35 2.92 -0.22
N ILE A 140 -2.67 2.75 -0.12
CA ILE A 140 -3.39 2.99 1.12
C ILE A 140 -2.83 2.11 2.24
N ASP A 141 -2.69 0.81 1.98
CA ASP A 141 -2.21 -0.14 2.98
C ASP A 141 -0.82 0.20 3.51
N VAL A 142 0.10 0.47 2.59
CA VAL A 142 1.46 0.83 2.94
C VAL A 142 1.57 2.16 3.68
N ARG A 143 0.86 3.19 3.24
CA ARG A 143 0.91 4.46 3.93
C ARG A 143 0.24 4.34 5.32
N LEU A 144 -0.83 3.56 5.40
CA LEU A 144 -1.54 3.39 6.67
C LEU A 144 -0.64 2.68 7.66
N ARG A 145 0.06 1.64 7.20
CA ARG A 145 0.94 0.90 8.08
C ARG A 145 2.13 1.75 8.53
N LYS A 146 2.74 2.49 7.60
CA LYS A 146 3.88 3.35 7.90
C LYS A 146 3.50 4.45 8.91
N SER A 147 2.30 4.99 8.79
CA SER A 147 1.82 6.00 9.72
C SER A 147 1.68 5.37 11.13
N LEU A 148 1.21 4.12 11.18
CA LEU A 148 1.06 3.43 12.46
C LEU A 148 2.43 3.01 13.02
N MET A 149 3.38 2.75 12.13
CA MET A 149 4.72 2.36 12.55
C MET A 149 5.45 3.50 13.24
N SER A 150 5.29 4.71 12.74
CA SER A 150 5.95 5.88 13.31
C SER A 150 5.21 6.49 14.50
N ASP A 151 3.97 6.11 14.71
CA ASP A 151 3.22 6.62 15.84
C ASP A 151 3.94 6.22 17.13
N ASN A 152 4.29 7.22 17.95
CA ASN A 152 5.00 6.97 19.20
C ASN A 152 4.21 6.11 20.18
N ARG A 153 2.89 6.21 20.17
CA ARG A 153 2.09 5.40 21.07
C ARG A 153 2.00 3.96 20.59
N ILE A 154 1.68 3.78 19.31
CA ILE A 154 1.52 2.45 18.74
C ILE A 154 2.80 1.68 18.36
N LYS A 155 3.76 2.33 17.69
CA LYS A 155 5.00 1.65 17.28
C LYS A 155 4.69 0.29 16.66
N LEU A 156 3.87 0.28 15.61
CA LEU A 156 3.51 -0.96 14.94
C LEU A 156 4.75 -1.72 14.50
N TYR A 157 4.75 -3.03 14.76
CA TYR A 157 5.82 -3.98 14.39
C TYR A 157 7.11 -3.89 15.20
N GLU A 158 7.12 -3.02 16.21
CA GLU A 158 8.28 -2.91 17.08
C GLU A 158 8.18 -4.04 18.11
N HIS A 159 9.33 -4.54 18.54
CA HIS A 159 9.38 -5.61 19.53
C HIS A 159 8.52 -5.24 20.74
N ASN A 160 8.64 -3.97 21.11
CA ASN A 160 7.94 -3.37 22.25
C ASN A 160 6.48 -2.90 22.07
N SER A 161 5.94 -2.97 20.84
CA SER A 161 4.59 -2.48 20.56
C SER A 161 3.43 -3.08 21.34
N ILE A 162 2.49 -2.20 21.70
CA ILE A 162 1.28 -2.56 22.45
C ILE A 162 0.28 -3.32 21.56
N CYS A 163 0.54 -3.29 20.25
CA CYS A 163 -0.31 -3.96 19.28
C CYS A 163 0.32 -5.33 19.05
N LYS A 164 -0.38 -6.36 19.51
CA LYS A 164 0.09 -7.74 19.37
C LYS A 164 -0.53 -8.35 18.13
N LYS A 165 -1.72 -7.87 17.79
CA LYS A 165 -2.45 -8.34 16.61
C LYS A 165 -3.45 -7.26 16.21
N GLY A 166 -4.03 -7.39 15.01
CA GLY A 166 -4.99 -6.39 14.58
C GLY A 166 -5.30 -6.34 13.09
N TYR A 167 -6.24 -5.50 12.72
CA TYR A 167 -6.63 -5.34 11.32
C TYR A 167 -7.24 -3.95 11.10
N TRP A 168 -7.43 -3.56 9.84
CA TRP A 168 -8.03 -2.29 9.58
C TRP A 168 -8.99 -2.46 8.43
N GLY A 169 -9.72 -1.39 8.12
CA GLY A 169 -10.66 -1.45 7.02
C GLY A 169 -10.94 -0.11 6.35
N ILE A 170 -11.35 -0.20 5.09
CA ILE A 170 -11.73 0.95 4.30
C ILE A 170 -13.24 0.95 4.51
N HIS A 171 -13.75 1.99 5.16
CA HIS A 171 -15.19 2.05 5.40
C HIS A 171 -15.81 2.93 4.34
N TYR A 172 -16.50 2.25 3.42
CA TYR A 172 -17.17 2.84 2.28
C TYR A 172 -18.40 3.66 2.70
N LYS A 173 -18.80 4.59 1.84
CA LYS A 173 -19.94 5.44 2.11
C LYS A 173 -21.23 4.62 2.07
N ASP A 174 -21.22 3.51 1.32
CA ASP A 174 -22.38 2.64 1.24
C ASP A 174 -22.38 1.66 2.40
N ASN A 175 -21.64 2.01 3.45
CA ASN A 175 -21.57 1.19 4.65
C ASN A 175 -20.81 -0.15 4.54
N THR A 176 -20.39 -0.53 3.34
CA THR A 176 -19.63 -1.77 3.21
C THR A 176 -18.19 -1.49 3.65
N THR A 177 -17.46 -2.54 4.02
CA THR A 177 -16.07 -2.40 4.49
C THR A 177 -15.14 -3.38 3.81
N LYS A 178 -13.87 -3.01 3.69
CA LYS A 178 -12.86 -3.92 3.16
C LYS A 178 -11.85 -4.04 4.29
N PHE A 179 -11.77 -5.23 4.88
CA PHE A 179 -10.88 -5.50 6.01
C PHE A 179 -9.55 -6.15 5.61
N THR A 180 -8.48 -5.79 6.32
CA THR A 180 -7.16 -6.33 6.05
C THR A 180 -6.43 -6.63 7.35
N ASP A 181 -5.79 -7.79 7.41
CA ASP A 181 -5.06 -8.20 8.59
C ASP A 181 -3.74 -7.44 8.59
N LEU A 182 -3.48 -6.67 9.63
CA LEU A 182 -2.27 -5.86 9.76
C LEU A 182 -1.02 -6.67 10.01
N PHE A 183 -1.19 -7.96 10.26
CA PHE A 183 -0.08 -8.87 10.51
C PHE A 183 0.12 -9.88 9.38
N THR A 184 -0.28 -9.46 8.19
CA THR A 184 -0.15 -10.26 6.97
C THR A 184 0.47 -9.36 5.89
N HIS A 185 0.95 -9.97 4.81
CA HIS A 185 1.50 -9.23 3.68
C HIS A 185 0.56 -9.48 2.49
N PRO A 186 -0.34 -8.54 2.20
CA PRO A 186 -1.24 -8.77 1.07
C PRO A 186 -0.50 -9.04 -0.23
N ASN A 187 -1.22 -9.63 -1.19
CA ASN A 187 -0.68 -9.91 -2.52
C ASN A 187 -0.97 -8.67 -3.35
N TYR A 188 0.05 -7.85 -3.56
CA TYR A 188 -0.13 -6.61 -4.30
C TYR A 188 0.03 -6.76 -5.82
N THR A 189 0.35 -7.97 -6.28
CA THR A 189 0.55 -8.17 -7.70
C THR A 189 -0.72 -7.96 -8.56
N ASP A 190 -1.90 -7.89 -7.94
CA ASP A 190 -3.12 -7.68 -8.71
C ASP A 190 -3.54 -6.25 -8.99
N ASN A 191 -2.75 -5.28 -8.53
CA ASN A 191 -3.05 -3.88 -8.76
C ASN A 191 -4.45 -3.51 -8.39
N GLU A 192 -4.96 -4.05 -7.30
CA GLU A 192 -6.32 -3.72 -6.88
C GLU A 192 -6.31 -2.20 -6.69
N THR A 193 -7.33 -1.50 -7.17
CA THR A 193 -7.45 -0.04 -7.02
C THR A 193 -8.73 0.35 -6.24
N ILE A 194 -8.66 1.41 -5.45
CA ILE A 194 -9.79 1.84 -4.65
C ILE A 194 -10.34 3.13 -5.24
N ASP A 195 -11.66 3.26 -5.31
CA ASP A 195 -12.28 4.48 -5.83
C ASP A 195 -12.39 5.35 -4.60
N MET A 196 -11.54 6.37 -4.50
CA MET A 196 -11.55 7.18 -3.31
C MET A 196 -12.86 7.94 -3.02
N SER A 197 -13.64 8.21 -4.08
CA SER A 197 -14.90 8.94 -3.92
C SER A 197 -15.96 8.13 -3.17
N LYS A 198 -15.82 6.81 -3.14
CA LYS A 198 -16.78 5.96 -2.43
C LYS A 198 -16.34 5.62 -1.00
N VAL A 199 -15.15 6.08 -0.63
CA VAL A 199 -14.57 5.84 0.69
C VAL A 199 -14.97 6.92 1.69
N SER A 200 -15.46 6.49 2.84
CA SER A 200 -15.82 7.46 3.86
C SER A 200 -14.60 7.67 4.76
N HIS A 201 -14.11 6.60 5.39
CA HIS A 201 -12.96 6.72 6.28
C HIS A 201 -12.24 5.40 6.44
N PHE A 202 -11.15 5.40 7.21
CA PHE A 202 -10.39 4.18 7.48
C PHE A 202 -10.52 3.85 8.96
N ASP A 203 -10.72 2.57 9.28
CA ASP A 203 -10.84 2.11 10.66
C ASP A 203 -9.73 1.15 11.04
N VAL A 204 -9.04 1.44 12.13
CA VAL A 204 -7.95 0.60 12.59
C VAL A 204 -8.37 -0.10 13.87
N TYR A 205 -8.30 -1.44 13.91
CA TYR A 205 -8.69 -2.21 15.09
C TYR A 205 -7.55 -2.91 15.77
N LEU A 206 -6.92 -2.20 16.72
CA LEU A 206 -5.78 -2.72 17.45
C LEU A 206 -6.13 -3.80 18.48
N ASN A 207 -5.31 -4.85 18.48
CA ASN A 207 -5.47 -5.96 19.39
C ASN A 207 -6.86 -6.57 19.30
N GLU A 208 -7.35 -6.75 18.09
CA GLU A 208 -8.65 -7.35 17.86
C GLU A 208 -8.49 -8.44 16.83
N GLU A 209 -9.09 -9.60 17.08
CA GLU A 209 -8.99 -10.73 16.16
C GLU A 209 -9.62 -10.38 14.80
N PHE A 210 -8.88 -10.68 13.73
CA PHE A 210 -9.35 -10.40 12.39
C PHE A 210 -10.60 -11.23 12.06
N SER A 211 -10.50 -12.48 12.11
ZN ZN B . -16.27 3.07 10.26
C1 GOL C . -0.67 -16.33 -0.76
O1 GOL C . -0.26 -15.71 0.47
C2 GOL C . -1.12 -15.25 -1.75
O2 GOL C . -2.21 -14.51 -1.20
C3 GOL C . -1.56 -15.91 -3.05
O3 GOL C . -1.97 -14.91 -3.99
C1 GOL D . -3.71 -12.68 15.62
O1 GOL D . -2.78 -13.63 16.14
C2 GOL D . -3.07 -11.94 14.44
O2 GOL D . -1.87 -11.28 14.88
C3 GOL D . -4.05 -10.89 13.91
O3 GOL D . -3.44 -10.16 12.83
#